data_6JND
#
_entry.id   6JND
#
_cell.length_a   1.0
_cell.length_b   1.0
_cell.length_c   1.0
_cell.angle_alpha   90.000
_cell.angle_beta   90.000
_cell.angle_gamma   90.000
#
_symmetry.space_group_name_H-M   'P 1'
#
loop_
_entity.id
_entity.type
_entity.pdbx_description
1 polymer 'Glutamate dehydrogenase'
2 non-polymer 2-AMINO-2-HYDROXYMETHYL-PROPANE-1,3-DIOL
#
_entity_poly.entity_id   1
_entity_poly.type   'polypeptide(L)'
_entity_poly.pdbx_seq_one_letter_code
;MVEIDPFEMAVKQLERAAQYMDISEEALEWLKKPMRIVEVSVPIEMDDGSVKVFTGFRVQHNWARGPTKGGIRWHPAETL
STVKALATWMTWKVAVVDLPYGGGKGGIIVNPKELSEREQERLARAYIRAVYDVIGPWTDIPAPDVYTNPKIMGWMMDEY
ETIMRRKGPAFGVITGKPLSIGGSLGRGTATAQGAIFTIREAAKALGIDLKGKKIAVQGYGNAGYYTAKLAKEQLGMTVV
AVSDSRGGIYNPDGLDPDEVLKWKREHGSVKDFPGATNITNEELLELEVDVLAPAAIEEVITEKNADNIKAKIVAEVANG
PVTPEADDILREKGILQIPDFLCNAGGVTVSYFEWVQNINGYYWTEEEVREKLDKKMTKAFWEVYNTHKDKNIHMRDAAY
VVAVSRVYQAMKDRGWVKK
;
_entity_poly.pdbx_strand_id   A
#
loop_
_chem_comp.id
_chem_comp.type
_chem_comp.name
_chem_comp.formula
TRS non-polymer 2-AMINO-2-HYDROXYMETHYL-PROPANE-1,3-DIOL 'C4 H12 N O3 1'
#
# COMPACT_ATOMS: atom_id res chain seq x y z
N MET A 1 -17.02 -6.38 26.29
CA MET A 1 -16.33 -5.36 25.50
C MET A 1 -14.97 -5.88 25.02
N VAL A 2 -14.96 -7.10 24.48
CA VAL A 2 -13.74 -7.73 23.98
C VAL A 2 -13.93 -7.98 22.49
N GLU A 3 -13.52 -7.03 21.66
CA GLU A 3 -13.75 -7.08 20.22
C GLU A 3 -12.88 -6.03 19.53
N ILE A 4 -12.48 -6.34 18.29
CA ILE A 4 -11.82 -5.38 17.42
C ILE A 4 -12.35 -5.52 16.01
N ASP A 5 -13.25 -4.64 15.61
CA ASP A 5 -13.77 -4.66 14.26
C ASP A 5 -12.78 -3.96 13.35
N PRO A 6 -12.34 -4.57 12.25
CA PRO A 6 -11.38 -3.89 11.38
C PRO A 6 -11.97 -2.74 10.59
N PHE A 7 -13.27 -2.79 10.27
CA PHE A 7 -13.87 -1.66 9.57
C PHE A 7 -14.17 -0.50 10.51
N GLU A 8 -14.70 -0.80 11.70
CA GLU A 8 -15.10 0.26 12.62
C GLU A 8 -13.90 0.98 13.20
N MET A 9 -12.71 0.39 13.14
CA MET A 9 -11.51 1.12 13.50
C MET A 9 -11.15 2.13 12.41
N ALA A 10 -11.53 1.84 11.16
CA ALA A 10 -11.19 2.76 10.08
C ALA A 10 -12.17 3.92 10.00
N VAL A 11 -13.33 3.80 10.66
CA VAL A 11 -14.25 4.92 10.79
C VAL A 11 -13.80 5.82 11.93
N LYS A 12 -13.32 5.21 13.02
CA LYS A 12 -12.98 5.96 14.23
C LYS A 12 -11.71 6.78 14.05
N GLN A 13 -10.96 6.52 12.99
CA GLN A 13 -9.84 7.41 12.66
C GLN A 13 -10.34 8.60 11.85
N LEU A 14 -11.46 8.46 11.14
CA LEU A 14 -11.98 9.58 10.37
C LEU A 14 -12.69 10.58 11.27
N GLU A 15 -13.32 10.10 12.34
CA GLU A 15 -13.94 11.00 13.31
C GLU A 15 -12.89 11.80 14.07
N ARG A 16 -11.70 11.22 14.26
CA ARG A 16 -10.61 11.93 14.91
C ARG A 16 -10.05 13.01 13.98
N ALA A 17 -10.19 12.80 12.67
CA ALA A 17 -9.64 13.77 11.72
C ALA A 17 -10.66 14.84 11.38
N ALA A 18 -11.86 14.77 11.95
CA ALA A 18 -12.86 15.80 11.70
C ALA A 18 -12.71 16.99 12.63
N GLN A 19 -11.83 16.89 13.64
CA GLN A 19 -11.69 17.98 14.59
C GLN A 19 -10.59 18.95 14.19
N TYR A 20 -9.63 18.53 13.38
CA TYR A 20 -8.56 19.41 12.91
C TYR A 20 -8.95 20.18 11.66
N MET A 21 -10.22 20.15 11.28
CA MET A 21 -10.69 20.88 10.11
C MET A 21 -12.13 21.31 10.36
N ASP A 22 -12.66 22.09 9.42
CA ASP A 22 -14.04 22.56 9.49
C ASP A 22 -14.83 21.91 8.37
N ILE A 23 -15.47 20.79 8.66
CA ILE A 23 -16.20 20.02 7.65
C ILE A 23 -17.67 19.99 8.06
N SER A 24 -18.55 19.91 7.06
CA SER A 24 -19.98 19.90 7.34
C SER A 24 -20.40 18.55 7.90
N GLU A 25 -21.37 18.59 8.83
CA GLU A 25 -21.78 17.37 9.51
C GLU A 25 -22.76 16.56 8.68
N GLU A 26 -23.11 17.05 7.49
CA GLU A 26 -23.94 16.27 6.58
C GLU A 26 -23.11 15.56 5.52
N ALA A 27 -21.84 15.94 5.37
CA ALA A 27 -20.96 15.20 4.48
C ALA A 27 -20.06 14.26 5.27
N LEU A 28 -20.05 14.40 6.59
CA LEU A 28 -19.28 13.49 7.42
C LEU A 28 -19.95 12.14 7.52
N GLU A 29 -21.27 12.10 7.35
CA GLU A 29 -21.98 10.83 7.39
C GLU A 29 -22.02 10.18 6.01
N TRP A 30 -21.50 10.86 5.00
CA TRP A 30 -21.40 10.26 3.68
C TRP A 30 -20.17 9.38 3.57
N LEU A 31 -19.06 9.81 4.17
CA LEU A 31 -17.81 9.07 4.06
C LEU A 31 -17.70 7.95 5.07
N LYS A 32 -18.78 7.61 5.77
CA LYS A 32 -18.79 6.48 6.69
C LYS A 32 -19.48 5.25 6.13
N LYS A 33 -19.92 5.29 4.87
CA LYS A 33 -20.54 4.12 4.28
C LYS A 33 -20.16 4.05 2.81
N PRO A 34 -19.63 2.92 2.35
CA PRO A 34 -19.26 2.80 0.94
C PRO A 34 -20.49 2.76 0.05
N MET A 35 -20.30 3.14 -1.21
CA MET A 35 -21.44 3.47 -2.04
C MET A 35 -21.98 2.31 -2.85
N ARG A 36 -21.20 1.27 -3.09
CA ARG A 36 -21.71 0.14 -3.88
C ARG A 36 -20.93 -1.12 -3.55
N ILE A 37 -21.52 -1.99 -2.76
CA ILE A 37 -20.91 -3.26 -2.38
C ILE A 37 -21.57 -4.37 -3.18
N VAL A 38 -20.75 -5.19 -3.84
CA VAL A 38 -21.23 -6.38 -4.54
C VAL A 38 -20.66 -7.58 -3.82
N GLU A 39 -21.46 -8.64 -3.70
CA GLU A 39 -20.99 -9.90 -3.11
C GLU A 39 -21.44 -11.04 -4.00
N VAL A 40 -20.63 -11.37 -4.99
CA VAL A 40 -21.00 -12.35 -6.00
C VAL A 40 -20.64 -13.74 -5.52
N SER A 41 -21.28 -14.74 -6.13
CA SER A 41 -20.92 -16.13 -5.94
C SER A 41 -20.12 -16.61 -7.13
N VAL A 42 -18.91 -17.09 -6.90
CA VAL A 42 -17.95 -17.37 -7.96
C VAL A 42 -17.76 -18.88 -8.10
N PRO A 43 -18.36 -19.53 -9.09
CA PRO A 43 -18.20 -20.98 -9.22
C PRO A 43 -17.03 -21.35 -10.10
N ILE A 44 -16.19 -22.26 -9.61
CA ILE A 44 -15.14 -22.83 -10.42
C ILE A 44 -15.44 -24.32 -10.58
N GLU A 45 -14.91 -24.90 -11.64
CA GLU A 45 -14.97 -26.32 -11.86
C GLU A 45 -13.61 -26.94 -11.55
N MET A 46 -13.60 -27.89 -10.64
CA MET A 46 -12.37 -28.40 -10.06
C MET A 46 -11.66 -29.33 -11.05
N ASP A 47 -10.58 -29.96 -10.61
CA ASP A 47 -9.90 -30.95 -11.43
C ASP A 47 -10.54 -32.33 -11.34
N ASP A 48 -11.32 -32.60 -10.30
CA ASP A 48 -11.98 -33.88 -10.12
C ASP A 48 -13.29 -33.98 -10.88
N GLY A 49 -13.71 -32.91 -11.55
CA GLY A 49 -14.96 -32.90 -12.27
C GLY A 49 -16.13 -32.50 -11.40
N SER A 50 -15.84 -31.79 -10.31
CA SER A 50 -16.86 -31.32 -9.39
C SER A 50 -16.79 -29.80 -9.33
N VAL A 51 -17.84 -29.20 -8.77
CA VAL A 51 -18.02 -27.76 -8.78
C VAL A 51 -17.95 -27.24 -7.35
N LYS A 52 -17.19 -26.17 -7.15
CA LYS A 52 -17.13 -25.46 -5.88
C LYS A 52 -17.47 -24.00 -6.09
N VAL A 53 -18.02 -23.37 -5.06
CA VAL A 53 -18.56 -22.03 -5.15
C VAL A 53 -17.91 -21.18 -4.07
N PHE A 54 -17.02 -20.27 -4.47
CA PHE A 54 -16.38 -19.36 -3.54
C PHE A 54 -17.08 -18.02 -3.53
N THR A 55 -16.99 -17.33 -2.40
CA THR A 55 -17.65 -16.05 -2.22
C THR A 55 -16.69 -14.93 -2.56
N GLY A 56 -17.08 -14.04 -3.46
CA GLY A 56 -16.22 -12.94 -3.84
C GLY A 56 -16.88 -11.60 -3.66
N PHE A 57 -16.14 -10.60 -3.18
CA PHE A 57 -16.69 -9.29 -2.91
C PHE A 57 -16.14 -8.27 -3.90
N ARG A 58 -16.70 -7.07 -3.85
CA ARG A 58 -16.19 -5.92 -4.58
C ARG A 58 -16.76 -4.66 -3.95
N VAL A 59 -15.92 -3.83 -3.35
CA VAL A 59 -16.37 -2.67 -2.60
C VAL A 59 -15.78 -1.40 -3.22
N GLN A 60 -16.65 -0.53 -3.70
CA GLN A 60 -16.25 0.76 -4.26
C GLN A 60 -16.62 1.83 -3.24
N HIS A 61 -15.62 2.60 -2.79
CA HIS A 61 -15.89 3.54 -1.71
C HIS A 61 -16.48 4.84 -2.22
N ASN A 62 -15.74 5.57 -3.04
CA ASN A 62 -16.15 6.93 -3.36
C ASN A 62 -15.54 7.42 -4.66
N TRP A 63 -16.34 7.56 -5.70
CA TRP A 63 -15.82 7.87 -7.03
C TRP A 63 -15.96 9.34 -7.35
N ALA A 64 -15.79 10.21 -6.34
CA ALA A 64 -16.02 11.64 -6.55
C ALA A 64 -14.92 12.28 -7.38
N ARG A 65 -13.74 11.68 -7.41
CA ARG A 65 -12.63 12.25 -8.14
C ARG A 65 -12.52 11.74 -9.57
N GLY A 66 -12.89 10.48 -9.79
CA GLY A 66 -12.76 9.86 -11.09
C GLY A 66 -13.14 8.40 -11.04
N PRO A 67 -12.36 7.54 -11.68
CA PRO A 67 -12.57 6.11 -11.53
C PRO A 67 -12.07 5.63 -10.19
N THR A 68 -12.44 4.40 -9.84
CA THR A 68 -11.96 3.84 -8.59
C THR A 68 -10.82 2.86 -8.83
N LYS A 69 -9.95 2.73 -7.83
CA LYS A 69 -8.72 1.95 -8.00
C LYS A 69 -8.43 1.19 -6.72
N GLY A 70 -8.22 -0.12 -6.85
CA GLY A 70 -7.94 -0.93 -5.68
C GLY A 70 -7.60 -2.38 -5.97
N GLY A 71 -6.76 -2.98 -5.13
CA GLY A 71 -6.24 -4.31 -5.39
C GLY A 71 -7.23 -5.42 -5.12
N ILE A 72 -6.75 -6.64 -5.32
CA ILE A 72 -7.54 -7.86 -5.17
C ILE A 72 -6.77 -8.81 -4.26
N ARG A 73 -7.40 -9.18 -3.15
CA ARG A 73 -6.76 -10.04 -2.15
C ARG A 73 -7.32 -11.45 -2.25
N TRP A 74 -6.45 -12.45 -2.15
CA TRP A 74 -6.87 -13.84 -2.04
C TRP A 74 -6.33 -14.37 -0.72
N HIS A 75 -7.22 -14.55 0.26
CA HIS A 75 -6.78 -14.98 1.58
C HIS A 75 -7.97 -15.65 2.26
N PRO A 76 -7.74 -16.69 3.05
CA PRO A 76 -8.88 -17.37 3.69
C PRO A 76 -9.42 -16.62 4.89
N ALA A 77 -8.74 -15.58 5.36
CA ALA A 77 -9.20 -14.83 6.52
C ALA A 77 -9.96 -13.58 6.11
N GLU A 78 -10.46 -13.55 4.88
CA GLU A 78 -11.14 -12.39 4.35
C GLU A 78 -12.51 -12.24 4.98
N THR A 79 -12.94 -11.00 5.16
CA THR A 79 -14.28 -10.68 5.63
C THR A 79 -14.78 -9.43 4.92
N LEU A 80 -16.05 -9.10 5.12
CA LEU A 80 -16.56 -7.87 4.55
C LEU A 80 -16.10 -6.66 5.35
N SER A 81 -15.74 -6.86 6.61
CA SER A 81 -15.22 -5.76 7.41
C SER A 81 -13.72 -5.57 7.20
N THR A 82 -13.10 -6.43 6.38
CA THR A 82 -11.69 -6.24 6.06
C THR A 82 -11.53 -5.63 4.68
N VAL A 83 -12.52 -5.82 3.81
CA VAL A 83 -12.48 -5.19 2.49
C VAL A 83 -13.04 -3.78 2.57
N LYS A 84 -14.09 -3.57 3.37
CA LYS A 84 -14.62 -2.23 3.54
C LYS A 84 -13.70 -1.36 4.39
N ALA A 85 -12.77 -1.97 5.11
CA ALA A 85 -11.80 -1.20 5.87
C ALA A 85 -10.71 -0.67 4.95
N LEU A 86 -10.23 -1.50 4.04
CA LEU A 86 -9.17 -1.07 3.14
C LEU A 86 -9.73 -0.18 2.02
N ALA A 87 -11.02 -0.32 1.72
CA ALA A 87 -11.61 0.48 0.66
C ALA A 87 -11.78 1.93 1.10
N THR A 88 -12.12 2.14 2.38
CA THR A 88 -12.16 3.50 2.90
C THR A 88 -10.76 3.99 3.26
N TRP A 89 -9.77 3.10 3.17
CA TRP A 89 -8.39 3.51 3.38
C TRP A 89 -7.75 3.93 2.07
N MET A 90 -8.22 3.38 0.95
CA MET A 90 -7.59 3.67 -0.33
C MET A 90 -7.92 5.07 -0.82
N THR A 91 -9.04 5.65 -0.37
CA THR A 91 -9.40 6.97 -0.84
C THR A 91 -8.54 8.05 -0.21
N TRP A 92 -7.98 7.80 0.98
CA TRP A 92 -7.08 8.79 1.54
C TRP A 92 -5.65 8.58 1.04
N LYS A 93 -5.41 7.55 0.24
CA LYS A 93 -4.08 7.38 -0.34
C LYS A 93 -4.04 7.91 -1.77
N VAL A 94 -5.13 7.76 -2.52
CA VAL A 94 -5.12 8.23 -3.90
C VAL A 94 -5.57 9.69 -3.99
N ALA A 95 -5.95 10.28 -2.87
CA ALA A 95 -6.24 11.71 -2.88
C ALA A 95 -5.01 12.53 -2.55
N VAL A 96 -4.11 12.01 -1.73
CA VAL A 96 -3.05 12.84 -1.16
C VAL A 96 -1.95 13.10 -2.17
N VAL A 97 -1.90 12.34 -3.26
CA VAL A 97 -0.89 12.54 -4.28
C VAL A 97 -1.52 13.23 -5.47
N ASP A 98 -2.80 13.56 -5.34
CA ASP A 98 -3.60 14.29 -6.33
C ASP A 98 -3.65 13.56 -7.67
N LEU A 99 -4.22 12.36 -7.61
CA LEU A 99 -4.56 11.57 -8.77
C LEU A 99 -6.06 11.60 -8.96
N PRO A 100 -6.55 11.48 -10.18
CA PRO A 100 -8.01 11.42 -10.36
C PRO A 100 -8.59 10.05 -10.04
N TYR A 101 -8.48 9.61 -8.80
CA TYR A 101 -8.89 8.26 -8.44
C TYR A 101 -9.75 8.28 -7.19
N GLY A 102 -10.54 7.23 -7.00
CA GLY A 102 -11.27 7.01 -5.77
C GLY A 102 -10.93 5.64 -5.21
N GLY A 103 -11.33 5.37 -3.97
CA GLY A 103 -10.91 4.15 -3.30
C GLY A 103 -11.65 2.92 -3.81
N GLY A 104 -11.22 1.75 -3.32
CA GLY A 104 -11.85 0.50 -3.69
C GLY A 104 -10.99 -0.66 -3.28
N LYS A 105 -11.62 -1.84 -3.19
CA LYS A 105 -10.94 -3.08 -2.84
C LYS A 105 -11.86 -4.24 -3.16
N GLY A 106 -11.27 -5.40 -3.41
CA GLY A 106 -12.04 -6.60 -3.68
C GLY A 106 -11.30 -7.83 -3.20
N GLY A 107 -12.03 -8.92 -3.07
CA GLY A 107 -11.39 -10.11 -2.54
C GLY A 107 -12.26 -11.34 -2.72
N ILE A 108 -11.62 -12.50 -2.60
CA ILE A 108 -12.27 -13.80 -2.70
C ILE A 108 -11.84 -14.63 -1.50
N ILE A 109 -12.80 -15.30 -0.85
CA ILE A 109 -12.45 -16.15 0.28
C ILE A 109 -11.95 -17.49 -0.25
N VAL A 110 -10.66 -17.59 -0.51
CA VAL A 110 -10.06 -18.81 -1.03
C VAL A 110 -8.67 -18.95 -0.43
N ASN A 111 -8.12 -20.16 -0.51
CA ASN A 111 -6.75 -20.42 -0.07
C ASN A 111 -5.93 -20.80 -1.28
N PRO A 112 -5.05 -19.93 -1.78
CA PRO A 112 -4.45 -20.15 -3.09
C PRO A 112 -3.30 -21.13 -3.10
N LYS A 113 -2.88 -21.65 -1.96
CA LYS A 113 -1.86 -22.68 -1.95
C LYS A 113 -2.45 -24.08 -1.89
N GLU A 114 -3.73 -24.21 -2.19
CA GLU A 114 -4.36 -25.52 -2.29
C GLU A 114 -5.14 -25.61 -3.58
N LEU A 115 -4.75 -24.79 -4.56
CA LEU A 115 -5.30 -24.84 -5.91
C LEU A 115 -4.12 -24.91 -6.86
N SER A 116 -4.17 -25.83 -7.82
CA SER A 116 -3.08 -25.96 -8.77
C SER A 116 -3.15 -24.85 -9.82
N GLU A 117 -2.32 -25.00 -10.85
CA GLU A 117 -2.18 -23.93 -11.85
C GLU A 117 -3.40 -23.81 -12.73
N ARG A 118 -3.98 -24.92 -13.16
CA ARG A 118 -5.15 -24.83 -14.02
C ARG A 118 -6.42 -24.55 -13.22
N GLU A 119 -6.34 -24.66 -11.89
CA GLU A 119 -7.50 -24.29 -11.08
C GLU A 119 -7.48 -22.81 -10.75
N GLN A 120 -6.30 -22.17 -10.82
CA GLN A 120 -6.24 -20.73 -10.63
C GLN A 120 -6.66 -19.99 -11.88
N GLU A 121 -6.51 -20.63 -13.04
CA GLU A 121 -7.01 -20.05 -14.28
C GLU A 121 -8.54 -20.05 -14.29
N ARG A 122 -9.15 -21.07 -13.71
CA ARG A 122 -10.60 -21.15 -13.75
C ARG A 122 -11.24 -20.43 -12.57
N LEU A 123 -10.41 -19.85 -11.69
CA LEU A 123 -10.96 -18.97 -10.66
C LEU A 123 -10.78 -17.50 -11.05
N ALA A 124 -9.62 -17.15 -11.60
CA ALA A 124 -9.34 -15.77 -11.95
C ALA A 124 -10.14 -15.34 -13.17
N ARG A 125 -10.49 -16.29 -14.04
CA ARG A 125 -11.38 -15.95 -15.14
C ARG A 125 -12.83 -15.94 -14.70
N ALA A 126 -13.15 -16.68 -13.63
CA ALA A 126 -14.54 -16.78 -13.21
C ALA A 126 -14.90 -15.66 -12.24
N TYR A 127 -13.91 -14.90 -11.79
CA TYR A 127 -14.20 -13.73 -10.97
C TYR A 127 -14.60 -12.55 -11.84
N ILE A 128 -14.08 -12.49 -13.08
CA ILE A 128 -14.36 -11.36 -13.95
C ILE A 128 -15.76 -11.45 -14.54
N ARG A 129 -16.23 -12.67 -14.82
CA ARG A 129 -17.57 -12.84 -15.38
C ARG A 129 -18.67 -12.50 -14.37
N ALA A 130 -18.33 -12.45 -13.09
CA ALA A 130 -19.35 -12.17 -12.08
C ALA A 130 -19.43 -10.70 -11.70
N VAL A 131 -18.34 -9.94 -11.85
CA VAL A 131 -18.36 -8.51 -11.54
C VAL A 131 -18.05 -7.66 -12.75
N TYR A 132 -18.41 -8.11 -13.95
CA TYR A 132 -18.20 -7.29 -15.14
C TYR A 132 -19.15 -6.09 -15.16
N ASP A 133 -20.30 -6.23 -14.50
CA ASP A 133 -21.29 -5.16 -14.42
C ASP A 133 -20.79 -3.93 -13.68
N VAL A 134 -19.83 -4.06 -12.78
CA VAL A 134 -19.38 -2.95 -11.96
C VAL A 134 -17.88 -2.68 -12.08
N ILE A 135 -17.22 -3.11 -13.15
CA ILE A 135 -15.85 -2.67 -13.44
C ILE A 135 -15.79 -2.15 -14.87
N GLY A 136 -14.60 -1.74 -15.28
CA GLY A 136 -14.40 -1.14 -16.57
C GLY A 136 -13.18 -0.23 -16.58
N PRO A 137 -12.77 0.23 -17.75
CA PRO A 137 -11.58 1.08 -17.83
C PRO A 137 -11.77 2.48 -17.30
N TRP A 138 -13.00 2.94 -17.17
CA TRP A 138 -13.27 4.25 -16.59
C TRP A 138 -14.07 4.16 -15.29
N THR A 139 -14.39 2.96 -14.82
CA THR A 139 -15.20 2.81 -13.61
C THR A 139 -14.41 2.22 -12.45
N ASP A 140 -13.79 1.05 -12.63
CA ASP A 140 -13.14 0.36 -11.52
C ASP A 140 -11.93 -0.38 -12.07
N ILE A 141 -10.76 -0.08 -11.53
CA ILE A 141 -9.50 -0.59 -12.06
C ILE A 141 -8.80 -1.44 -11.01
N PRO A 142 -8.85 -2.78 -11.10
CA PRO A 142 -8.13 -3.62 -10.14
C PRO A 142 -6.60 -3.54 -10.20
N ALA A 143 -5.93 -4.28 -9.32
CA ALA A 143 -4.49 -4.22 -9.11
C ALA A 143 -4.04 -5.46 -8.35
N PRO A 144 -2.76 -5.83 -8.34
CA PRO A 144 -2.36 -6.99 -7.55
C PRO A 144 -2.20 -6.67 -6.07
N ASP A 145 -2.33 -7.71 -5.25
CA ASP A 145 -2.14 -7.61 -3.81
C ASP A 145 -1.63 -8.95 -3.29
N VAL A 146 -1.85 -9.24 -2.00
CA VAL A 146 -1.37 -10.46 -1.36
C VAL A 146 -1.90 -11.70 -2.08
N TYR A 147 -0.99 -12.63 -2.40
CA TYR A 147 -1.21 -13.91 -3.06
C TYR A 147 -1.76 -13.80 -4.47
N THR A 148 -1.67 -12.63 -5.07
CA THR A 148 -1.83 -12.47 -6.50
C THR A 148 -0.50 -12.05 -7.13
N ASN A 149 -0.32 -12.44 -8.38
CA ASN A 149 0.90 -12.16 -9.11
C ASN A 149 0.54 -11.39 -10.37
N PRO A 150 1.52 -10.76 -11.04
CA PRO A 150 1.22 -10.22 -12.38
C PRO A 150 0.94 -11.30 -13.42
N LYS A 151 1.25 -12.55 -13.13
CA LYS A 151 0.81 -13.65 -13.98
C LYS A 151 -0.71 -13.75 -13.98
N ILE A 152 -1.33 -13.56 -12.82
CA ILE A 152 -2.78 -13.73 -12.69
C ILE A 152 -3.52 -12.55 -13.30
N MET A 153 -2.95 -11.35 -13.21
CA MET A 153 -3.62 -10.16 -13.75
C MET A 153 -3.62 -10.17 -15.26
N GLY A 154 -2.81 -11.02 -15.89
CA GLY A 154 -2.92 -11.21 -17.32
C GLY A 154 -4.14 -12.02 -17.69
N TRP A 155 -4.56 -12.93 -16.79
CA TRP A 155 -5.69 -13.79 -17.09
C TRP A 155 -7.01 -13.04 -16.96
N MET A 156 -7.12 -12.16 -15.96
CA MET A 156 -8.33 -11.36 -15.80
C MET A 156 -8.50 -10.38 -16.96
N MET A 157 -7.40 -9.97 -17.58
CA MET A 157 -7.49 -9.09 -18.73
C MET A 157 -8.05 -9.82 -19.93
N ASP A 158 -7.68 -11.09 -20.10
CA ASP A 158 -8.13 -11.84 -21.26
C ASP A 158 -9.61 -12.17 -21.18
N GLU A 159 -10.10 -12.44 -19.97
CA GLU A 159 -11.53 -12.73 -19.81
C GLU A 159 -12.35 -11.46 -19.85
N TYR A 160 -11.70 -10.30 -19.75
CA TYR A 160 -12.40 -9.04 -19.99
C TYR A 160 -12.45 -8.73 -21.48
N GLU A 161 -11.40 -9.12 -22.21
CA GLU A 161 -11.35 -8.81 -23.64
C GLU A 161 -12.31 -9.69 -24.42
N THR A 162 -12.70 -10.83 -23.85
CA THR A 162 -13.61 -11.73 -24.55
C THR A 162 -15.06 -11.33 -24.32
N ILE A 163 -15.34 -10.67 -23.20
CA ILE A 163 -16.70 -10.23 -22.91
C ILE A 163 -16.98 -8.90 -23.60
N MET A 164 -16.00 -8.00 -23.61
CA MET A 164 -16.20 -6.66 -24.16
C MET A 164 -16.25 -6.65 -25.68
N ARG A 165 -15.81 -7.73 -26.33
CA ARG A 165 -15.63 -7.86 -27.78
C ARG A 165 -14.74 -6.76 -28.36
N ARG A 166 -13.73 -6.34 -27.59
CA ARG A 166 -12.65 -5.46 -28.02
C ARG A 166 -13.14 -4.08 -28.46
N LYS A 167 -14.29 -3.65 -27.97
CA LYS A 167 -14.80 -2.31 -28.30
C LYS A 167 -14.41 -1.28 -27.26
N GLY A 168 -13.14 -1.16 -26.93
CA GLY A 168 -12.70 -0.20 -25.95
C GLY A 168 -11.27 -0.47 -25.51
N PRO A 169 -10.67 0.45 -24.76
CA PRO A 169 -9.29 0.28 -24.34
C PRO A 169 -9.11 -0.79 -23.27
N ALA A 170 -9.20 -2.06 -23.68
CA ALA A 170 -9.27 -3.18 -22.75
C ALA A 170 -8.00 -3.41 -21.96
N PHE A 171 -6.87 -2.86 -22.40
CA PHE A 171 -5.62 -2.97 -21.66
C PHE A 171 -5.59 -2.09 -20.42
N GLY A 172 -6.55 -1.17 -20.29
CA GLY A 172 -6.52 -0.26 -19.18
C GLY A 172 -7.45 -0.67 -18.07
N VAL A 173 -8.00 -1.89 -18.16
CA VAL A 173 -8.97 -2.34 -17.16
C VAL A 173 -8.27 -2.77 -15.89
N ILE A 174 -6.95 -2.96 -15.93
CA ILE A 174 -6.23 -3.55 -14.81
C ILE A 174 -4.77 -3.15 -14.92
N THR A 175 -4.13 -2.87 -13.80
CA THR A 175 -2.72 -2.52 -13.81
C THR A 175 -1.92 -3.56 -13.04
N GLY A 176 -0.63 -3.62 -13.34
CA GLY A 176 0.21 -4.66 -12.81
C GLY A 176 0.19 -5.87 -13.72
N LYS A 177 0.15 -5.62 -15.01
CA LYS A 177 0.15 -6.65 -16.03
C LYS A 177 1.60 -6.96 -16.38
N PRO A 178 1.90 -8.04 -17.11
CA PRO A 178 3.28 -8.26 -17.56
C PRO A 178 3.76 -7.23 -18.58
N LEU A 179 5.04 -7.29 -18.95
CA LEU A 179 5.64 -6.23 -19.74
C LEU A 179 5.15 -6.23 -21.19
N SER A 180 4.77 -7.39 -21.72
CA SER A 180 4.45 -7.53 -23.13
C SER A 180 2.98 -7.83 -23.39
N ILE A 181 2.08 -7.26 -22.60
CA ILE A 181 0.65 -7.39 -22.84
C ILE A 181 0.06 -5.99 -22.67
N GLY A 182 0.93 -5.02 -22.41
CA GLY A 182 0.48 -3.68 -22.08
C GLY A 182 0.82 -3.22 -20.68
N GLY A 183 1.98 -3.61 -20.18
CA GLY A 183 2.42 -3.16 -18.88
C GLY A 183 3.46 -2.07 -18.96
N SER A 184 3.79 -1.51 -17.80
CA SER A 184 4.67 -0.35 -17.69
C SER A 184 6.05 -0.80 -17.22
N LEU A 185 7.06 0.02 -17.54
CA LEU A 185 8.40 -0.21 -17.02
C LEU A 185 8.54 0.41 -15.64
N GLY A 186 9.45 -0.14 -14.84
CA GLY A 186 9.68 0.38 -13.51
C GLY A 186 8.54 0.16 -12.54
N ARG A 187 7.89 -1.00 -12.61
CA ARG A 187 6.76 -1.29 -11.75
C ARG A 187 7.12 -2.13 -10.53
N GLY A 188 8.07 -3.04 -10.64
CA GLY A 188 8.42 -3.93 -9.55
C GLY A 188 9.14 -3.24 -8.40
N THR A 189 9.67 -2.06 -8.65
CA THR A 189 10.37 -1.27 -7.64
C THR A 189 9.62 0.02 -7.37
N ALA A 190 8.30 -0.07 -7.30
CA ALA A 190 7.49 1.11 -7.04
C ALA A 190 7.50 1.50 -5.57
N THR A 191 7.14 0.56 -4.70
CA THR A 191 6.98 0.86 -3.27
C THR A 191 8.33 1.13 -2.62
N ALA A 192 9.41 0.61 -3.21
CA ALA A 192 10.74 0.98 -2.76
C ALA A 192 11.06 2.42 -3.14
N GLN A 193 10.90 2.76 -4.42
CA GLN A 193 11.25 4.10 -4.90
C GLN A 193 10.29 5.16 -4.37
N GLY A 194 9.08 4.75 -3.99
CA GLY A 194 8.19 5.65 -3.30
C GLY A 194 8.65 5.92 -1.87
N ALA A 195 9.18 4.89 -1.22
CA ALA A 195 9.58 5.05 0.18
C ALA A 195 10.90 5.81 0.30
N ILE A 196 11.89 5.46 -0.53
CA ILE A 196 13.23 6.03 -0.40
C ILE A 196 13.24 7.50 -0.83
N PHE A 197 12.26 7.89 -1.65
CA PHE A 197 12.08 9.31 -1.93
C PHE A 197 11.60 10.07 -0.69
N THR A 198 10.69 9.48 0.08
CA THR A 198 10.16 10.19 1.24
C THR A 198 11.13 10.14 2.42
N ILE A 199 12.06 9.20 2.42
CA ILE A 199 13.11 9.20 3.43
C ILE A 199 14.08 10.35 3.18
N ARG A 200 14.32 10.66 1.90
CA ARG A 200 15.27 11.72 1.56
C ARG A 200 14.70 13.10 1.87
N GLU A 201 13.41 13.32 1.56
CA GLU A 201 12.84 14.64 1.73
C GLU A 201 12.51 14.94 3.18
N ALA A 202 12.27 13.92 3.99
CA ALA A 202 12.07 14.14 5.41
C ALA A 202 13.38 14.46 6.10
N ALA A 203 14.43 13.72 5.77
CA ALA A 203 15.71 13.91 6.45
C ALA A 203 16.41 15.18 5.98
N LYS A 204 16.08 15.66 4.78
CA LYS A 204 16.57 16.96 4.33
C LYS A 204 15.88 18.07 5.12
N ALA A 205 14.64 17.84 5.54
CA ALA A 205 13.95 18.80 6.39
C ALA A 205 14.39 18.65 7.84
N LEU A 206 14.72 17.43 8.25
CA LEU A 206 15.32 17.24 9.57
C LEU A 206 16.79 17.65 9.60
N GLY A 207 17.43 17.68 8.43
CA GLY A 207 18.77 18.21 8.30
C GLY A 207 19.86 17.29 8.79
N ILE A 208 19.86 16.04 8.34
CA ILE A 208 20.86 15.05 8.72
C ILE A 208 21.49 14.53 7.44
N ASP A 209 22.82 14.64 7.34
CA ASP A 209 23.52 14.08 6.19
C ASP A 209 23.53 12.56 6.29
N LEU A 210 22.78 11.92 5.40
CA LEU A 210 22.56 10.48 5.44
C LEU A 210 23.77 9.68 4.97
N LYS A 211 24.72 10.32 4.31
CA LYS A 211 25.92 9.67 3.80
C LYS A 211 26.86 9.41 4.98
N GLY A 212 26.55 8.37 5.74
CA GLY A 212 27.32 8.04 6.92
C GLY A 212 26.49 7.65 8.11
N LYS A 213 25.17 7.67 7.95
CA LYS A 213 24.26 7.22 9.00
C LYS A 213 23.89 5.76 8.72
N LYS A 214 22.93 5.20 9.45
CA LYS A 214 22.53 3.82 9.20
C LYS A 214 21.03 3.67 9.25
N ILE A 215 20.55 2.45 8.94
CA ILE A 215 19.12 2.16 8.80
C ILE A 215 18.90 0.70 9.18
N ALA A 216 17.71 0.38 9.68
CA ALA A 216 17.32 -0.99 9.99
C ALA A 216 15.95 -1.27 9.41
N VAL A 217 15.73 -2.50 8.96
CA VAL A 217 14.51 -2.92 8.31
C VAL A 217 13.94 -4.13 9.02
N GLN A 218 12.70 -4.02 9.49
CA GLN A 218 11.99 -5.15 10.06
C GLN A 218 11.16 -5.83 8.98
N GLY A 219 11.42 -7.11 8.76
CA GLY A 219 10.80 -7.85 7.68
C GLY A 219 11.68 -7.90 6.45
N TYR A 220 11.49 -8.95 5.66
CA TYR A 220 12.28 -9.16 4.47
C TYR A 220 11.40 -9.54 3.29
N GLY A 221 10.31 -8.81 3.11
CA GLY A 221 9.45 -9.00 1.96
C GLY A 221 10.08 -8.44 0.69
N ASN A 222 9.33 -8.58 -0.41
CA ASN A 222 9.80 -8.06 -1.69
C ASN A 222 9.85 -6.54 -1.69
N ALA A 223 8.87 -5.90 -1.04
CA ALA A 223 8.96 -4.47 -0.79
C ALA A 223 9.88 -4.18 0.39
N GLY A 224 10.24 -5.21 1.16
CA GLY A 224 11.18 -5.01 2.25
C GLY A 224 12.62 -5.15 1.81
N TYR A 225 12.87 -6.00 0.82
CA TYR A 225 14.23 -6.19 0.33
C TYR A 225 14.72 -4.98 -0.46
N TYR A 226 13.91 -4.52 -1.41
CA TYR A 226 14.31 -3.39 -2.24
C TYR A 226 14.34 -2.08 -1.47
N THR A 227 13.66 -2.02 -0.32
CA THR A 227 13.75 -0.85 0.54
C THR A 227 15.16 -0.71 1.10
N ALA A 228 15.78 -1.82 1.50
CA ALA A 228 17.13 -1.77 2.00
C ALA A 228 18.13 -1.55 0.86
N LYS A 229 17.85 -2.13 -0.30
CA LYS A 229 18.79 -2.07 -1.41
C LYS A 229 18.84 -0.68 -2.04
N LEU A 230 17.67 -0.09 -2.28
CA LEU A 230 17.63 1.25 -2.88
C LEU A 230 17.96 2.34 -1.87
N ALA A 231 18.12 1.99 -0.59
CA ALA A 231 18.74 2.92 0.36
C ALA A 231 20.25 2.85 0.28
N LYS A 232 20.77 1.74 -0.25
CA LYS A 232 22.22 1.59 -0.35
C LYS A 232 22.74 2.14 -1.67
N GLU A 233 22.05 1.84 -2.77
CA GLU A 233 22.55 2.25 -4.08
C GLU A 233 22.31 3.72 -4.33
N GLN A 234 21.11 4.21 -4.04
CA GLN A 234 20.70 5.56 -4.45
C GLN A 234 20.85 6.55 -3.30
N LEU A 235 20.39 6.18 -2.12
CA LEU A 235 20.38 7.11 -1.00
C LEU A 235 21.75 7.23 -0.36
N GLY A 236 22.33 6.10 0.04
CA GLY A 236 23.60 6.09 0.72
C GLY A 236 23.54 5.56 2.14
N MET A 237 22.50 4.83 2.50
CA MET A 237 22.29 4.38 3.87
C MET A 237 23.10 3.13 4.20
N THR A 238 23.38 2.91 5.49
CA THR A 238 24.01 1.68 5.94
C THR A 238 22.97 0.71 6.49
N VAL A 239 22.67 -0.35 5.73
CA VAL A 239 21.71 -1.35 6.21
C VAL A 239 22.40 -2.27 7.19
N VAL A 240 21.94 -2.26 8.45
CA VAL A 240 22.64 -2.95 9.53
C VAL A 240 21.87 -4.15 10.07
N ALA A 241 20.56 -4.23 9.86
CA ALA A 241 19.82 -5.32 10.49
C ALA A 241 18.56 -5.62 9.68
N VAL A 242 18.29 -6.91 9.50
CA VAL A 242 17.07 -7.38 8.85
C VAL A 242 16.42 -8.42 9.74
N SER A 243 15.22 -8.85 9.36
CA SER A 243 14.48 -9.87 10.11
C SER A 243 13.44 -10.52 9.22
N ASP A 244 12.82 -11.57 9.74
CA ASP A 244 11.66 -12.21 9.12
C ASP A 244 10.82 -12.86 10.21
N SER A 245 9.92 -13.76 9.81
CA SER A 245 9.02 -14.44 10.72
C SER A 245 9.75 -15.38 11.69
N ARG A 246 10.94 -15.83 11.33
CA ARG A 246 11.68 -16.78 12.17
C ARG A 246 12.59 -16.06 13.13
N GLY A 247 13.52 -15.25 12.61
CA GLY A 247 14.44 -14.50 13.44
C GLY A 247 14.98 -13.26 12.76
N GLY A 248 16.08 -12.71 13.27
CA GLY A 248 16.71 -11.56 12.65
C GLY A 248 18.21 -11.55 12.92
N ILE A 249 18.93 -10.80 12.09
CA ILE A 249 20.37 -10.64 12.25
C ILE A 249 20.70 -9.16 12.37
N TYR A 250 21.94 -8.89 12.78
CA TYR A 250 22.42 -7.54 12.99
C TYR A 250 23.93 -7.50 12.80
N ASN A 251 24.40 -6.51 12.05
CA ASN A 251 25.83 -6.32 11.88
C ASN A 251 26.15 -4.83 11.82
N PRO A 252 27.13 -4.35 12.58
CA PRO A 252 27.38 -2.90 12.63
C PRO A 252 28.26 -2.38 11.51
N ASP A 253 28.45 -3.15 10.44
CA ASP A 253 29.32 -2.74 9.35
C ASP A 253 28.65 -2.86 7.98
N GLY A 254 27.32 -2.83 7.94
CA GLY A 254 26.62 -2.88 6.67
C GLY A 254 26.48 -4.28 6.13
N LEU A 255 25.29 -4.61 5.60
CA LEU A 255 25.03 -5.93 5.04
C LEU A 255 24.54 -5.74 3.60
N ASP A 256 25.27 -6.33 2.66
CA ASP A 256 24.97 -6.24 1.24
C ASP A 256 23.71 -7.04 0.93
N PRO A 257 22.63 -6.40 0.49
CA PRO A 257 21.34 -7.10 0.37
C PRO A 257 21.29 -8.15 -0.73
N ASP A 258 22.20 -8.11 -1.70
CA ASP A 258 22.27 -9.15 -2.71
C ASP A 258 22.74 -10.48 -2.14
N GLU A 259 23.80 -10.46 -1.33
CA GLU A 259 24.30 -11.69 -0.72
C GLU A 259 23.36 -12.18 0.37
N VAL A 260 22.68 -11.25 1.05
CA VAL A 260 21.74 -11.63 2.10
C VAL A 260 20.52 -12.32 1.50
N LEU A 261 20.06 -11.84 0.36
CA LEU A 261 18.90 -12.46 -0.29
C LEU A 261 19.25 -13.82 -0.86
N LYS A 262 20.53 -14.06 -1.17
CA LYS A 262 20.95 -15.38 -1.63
C LYS A 262 20.91 -16.41 -0.50
N TRP A 263 20.97 -15.94 0.75
CA TRP A 263 20.84 -16.84 1.88
C TRP A 263 19.39 -17.25 2.09
N LYS A 264 18.48 -16.27 2.02
CA LYS A 264 17.07 -16.55 2.31
C LYS A 264 16.43 -17.39 1.21
N ARG A 265 16.93 -17.29 -0.01
CA ARG A 265 16.46 -18.18 -1.07
C ARG A 265 17.03 -19.58 -0.91
N GLU A 266 18.10 -19.72 -0.12
CA GLU A 266 18.76 -21.00 0.06
C GLU A 266 18.25 -21.77 1.28
N HIS A 267 18.36 -21.19 2.46
CA HIS A 267 17.97 -21.85 3.70
C HIS A 267 16.50 -21.50 3.99
N GLY A 268 15.98 -21.78 5.18
CA GLY A 268 14.60 -21.45 5.48
C GLY A 268 14.41 -19.99 5.77
N SER A 269 15.37 -19.39 6.46
CA SER A 269 15.28 -17.99 6.86
C SER A 269 16.66 -17.34 6.89
N VAL A 270 16.75 -16.16 7.53
CA VAL A 270 18.02 -15.44 7.62
C VAL A 270 18.90 -15.93 8.76
N LYS A 271 18.51 -17.01 9.44
CA LYS A 271 19.26 -17.54 10.57
C LYS A 271 20.65 -18.00 10.13
N ASP A 272 21.64 -17.78 11.01
CA ASP A 272 23.03 -18.18 10.87
C ASP A 272 23.71 -17.57 9.66
N PHE A 273 23.34 -16.36 9.27
CA PHE A 273 24.07 -15.66 8.23
C PHE A 273 25.43 -15.22 8.76
N PRO A 274 26.50 -15.36 7.98
CA PRO A 274 27.84 -15.04 8.50
C PRO A 274 28.07 -13.55 8.70
N GLY A 275 28.89 -13.20 9.67
CA GLY A 275 29.20 -11.82 9.96
C GLY A 275 28.03 -11.05 10.53
N ALA A 276 27.36 -11.63 11.53
CA ALA A 276 26.21 -11.01 12.17
C ALA A 276 25.99 -11.59 13.56
N THR A 277 24.81 -11.35 14.13
CA THR A 277 24.40 -11.96 15.39
C THR A 277 22.92 -12.29 15.27
N ASN A 278 22.57 -13.55 15.49
CA ASN A 278 21.20 -14.04 15.32
C ASN A 278 20.34 -13.51 16.47
N ILE A 279 19.45 -12.58 16.17
CA ILE A 279 18.70 -11.85 17.19
C ILE A 279 17.20 -12.01 16.95
N THR A 280 16.42 -11.34 17.80
CA THR A 280 14.96 -11.43 17.79
C THR A 280 14.34 -10.16 17.21
N ASN A 281 13.03 -10.24 16.98
CA ASN A 281 12.32 -9.13 16.33
C ASN A 281 12.03 -8.00 17.30
N GLU A 282 11.99 -8.30 18.60
CA GLU A 282 11.63 -7.26 19.57
C GLU A 282 12.81 -6.33 19.85
N GLU A 283 14.00 -6.90 20.05
CA GLU A 283 15.18 -6.08 20.33
C GLU A 283 15.62 -5.30 19.10
N LEU A 284 15.20 -5.74 17.91
CA LEU A 284 15.53 -5.01 16.68
C LEU A 284 14.82 -3.67 16.63
N LEU A 285 13.64 -3.58 17.24
CA LEU A 285 12.89 -2.32 17.21
C LEU A 285 13.51 -1.27 18.12
N GLU A 286 14.23 -1.69 19.15
CA GLU A 286 14.92 -0.74 20.04
C GLU A 286 16.41 -0.64 19.72
N LEU A 287 16.77 -0.73 18.45
CA LEU A 287 18.16 -0.63 18.01
C LEU A 287 18.58 0.83 17.95
N GLU A 288 19.74 1.10 17.33
CA GLU A 288 20.28 2.46 17.24
C GLU A 288 20.59 2.72 15.78
N VAL A 289 19.67 3.40 15.09
CA VAL A 289 19.82 3.74 13.69
C VAL A 289 19.40 5.18 13.49
N ASP A 290 19.48 5.65 12.24
CA ASP A 290 19.01 6.99 11.92
C ASP A 290 17.55 6.98 11.51
N VAL A 291 17.08 5.88 10.94
CA VAL A 291 15.69 5.78 10.50
C VAL A 291 15.21 4.34 10.63
N LEU A 292 14.11 4.13 11.34
CA LEU A 292 13.49 2.81 11.49
C LEU A 292 12.36 2.68 10.48
N ALA A 293 12.41 1.64 9.66
CA ALA A 293 11.42 1.41 8.61
C ALA A 293 10.71 0.08 8.82
N PRO A 294 9.59 0.06 9.52
CA PRO A 294 8.78 -1.17 9.60
C PRO A 294 7.97 -1.36 8.33
N ALA A 295 8.09 -2.55 7.75
CA ALA A 295 7.38 -2.84 6.50
C ALA A 295 6.84 -4.26 6.45
N ALA A 296 6.73 -4.94 7.58
CA ALA A 296 6.36 -6.36 7.59
C ALA A 296 4.90 -6.59 7.96
N ILE A 297 4.51 -6.13 9.13
CA ILE A 297 3.21 -6.47 9.70
C ILE A 297 2.57 -5.21 10.28
N GLU A 298 1.44 -5.39 10.96
CA GLU A 298 0.73 -4.26 11.53
C GLU A 298 0.75 -4.32 13.06
N GLU A 299 0.75 -3.13 13.66
CA GLU A 299 0.61 -2.90 15.10
C GLU A 299 1.74 -3.55 15.90
N VAL A 300 2.96 -3.44 15.37
CA VAL A 300 4.11 -3.97 16.08
C VAL A 300 4.52 -3.06 17.24
N ILE A 301 4.11 -1.79 17.20
CA ILE A 301 4.37 -0.84 18.27
C ILE A 301 3.07 -0.70 19.06
N THR A 302 3.09 -1.11 20.33
CA THR A 302 1.94 -1.00 21.21
C THR A 302 2.36 -0.27 22.47
N GLU A 303 1.47 -0.28 23.46
CA GLU A 303 1.65 0.42 24.73
C GLU A 303 2.78 -0.16 25.58
N LYS A 304 3.17 -1.43 25.44
CA LYS A 304 4.17 -2.02 26.30
C LYS A 304 5.57 -1.99 25.71
N ASN A 305 5.69 -1.79 24.39
CA ASN A 305 6.98 -1.58 23.77
C ASN A 305 7.13 -0.18 23.18
N ALA A 306 6.55 0.84 23.83
CA ALA A 306 6.46 2.16 23.19
C ALA A 306 7.73 2.96 23.35
N ASP A 307 8.10 3.31 24.59
CA ASP A 307 9.13 4.31 24.80
C ASP A 307 10.55 3.74 24.78
N ASN A 308 10.72 2.49 24.38
CA ASN A 308 12.05 1.89 24.27
C ASN A 308 12.69 2.16 22.91
N ILE A 309 11.94 2.69 21.96
CA ILE A 309 12.42 2.80 20.58
C ILE A 309 13.38 3.96 20.45
N LYS A 310 14.55 3.69 19.88
CA LYS A 310 15.64 4.67 19.76
C LYS A 310 15.90 4.91 18.27
N ALA A 311 15.17 5.85 17.69
CA ALA A 311 15.38 6.22 16.29
C ALA A 311 14.99 7.68 16.12
N LYS A 312 15.36 8.25 14.98
CA LYS A 312 15.01 9.61 14.64
C LYS A 312 13.86 9.71 13.65
N ILE A 313 13.80 8.82 12.67
CA ILE A 313 12.73 8.80 11.68
C ILE A 313 12.08 7.43 11.75
N VAL A 314 10.74 7.40 11.78
CA VAL A 314 10.01 6.15 11.73
C VAL A 314 9.26 6.13 10.39
N ALA A 315 9.85 5.46 9.41
CA ALA A 315 9.27 5.36 8.07
C ALA A 315 8.13 4.34 8.12
N GLU A 316 6.90 4.85 8.25
CA GLU A 316 5.72 3.99 8.29
C GLU A 316 5.47 3.47 6.87
N VAL A 317 5.88 2.23 6.62
CA VAL A 317 5.78 1.67 5.27
C VAL A 317 4.64 0.66 5.19
N ALA A 318 4.55 -0.24 6.16
CA ALA A 318 3.46 -1.19 6.21
C ALA A 318 2.15 -0.49 6.56
N ASN A 319 1.04 -1.19 6.36
CA ASN A 319 -0.28 -0.61 6.56
C ASN A 319 -0.55 -0.44 8.05
N GLY A 320 -0.33 0.76 8.56
CA GLY A 320 -0.53 1.08 9.96
C GLY A 320 0.39 0.33 10.91
N PRO A 321 1.69 0.66 10.90
CA PRO A 321 2.62 -0.06 11.79
C PRO A 321 2.49 0.34 13.25
N VAL A 322 2.07 1.57 13.53
CA VAL A 322 2.00 2.09 14.89
C VAL A 322 0.54 2.24 15.29
N THR A 323 0.23 1.76 16.49
CA THR A 323 -1.09 1.97 17.07
C THR A 323 -1.22 3.40 17.56
N PRO A 324 -2.44 3.95 17.60
CA PRO A 324 -2.60 5.33 18.08
C PRO A 324 -2.35 5.50 19.58
N GLU A 325 -2.17 4.42 20.33
CA GLU A 325 -1.84 4.56 21.76
C GLU A 325 -0.42 5.08 21.95
N ALA A 326 0.51 4.64 21.08
CA ALA A 326 1.93 4.92 21.32
C ALA A 326 2.46 6.00 20.39
N ASP A 327 1.61 6.55 19.53
CA ASP A 327 2.08 7.59 18.61
C ASP A 327 2.39 8.88 19.35
N ASP A 328 1.57 9.20 20.36
CA ASP A 328 1.78 10.44 21.11
C ASP A 328 2.93 10.31 22.10
N ILE A 329 3.19 9.10 22.58
CA ILE A 329 4.29 8.89 23.51
C ILE A 329 5.64 9.01 22.79
N LEU A 330 5.64 8.73 21.48
CA LEU A 330 6.83 8.97 20.68
C LEU A 330 6.82 10.36 20.07
N ARG A 331 5.66 11.03 20.08
CA ARG A 331 5.56 12.36 19.49
C ARG A 331 6.33 13.39 20.33
N GLU A 332 6.29 13.25 21.65
CA GLU A 332 7.02 14.16 22.52
C GLU A 332 8.53 13.96 22.45
N LYS A 333 8.99 12.83 21.90
CA LYS A 333 10.42 12.60 21.72
C LYS A 333 11.04 13.50 20.67
N GLY A 334 10.24 14.11 19.80
CA GLY A 334 10.79 14.90 18.70
C GLY A 334 11.15 14.03 17.53
N ILE A 335 10.31 13.03 17.25
CA ILE A 335 10.57 12.08 16.19
C ILE A 335 9.69 12.44 15.00
N LEU A 336 10.31 12.96 13.94
CA LEU A 336 9.62 13.11 12.67
C LEU A 336 9.36 11.75 12.07
N GLN A 337 8.12 11.52 11.65
CA GLN A 337 7.75 10.25 11.05
C GLN A 337 6.74 10.50 9.95
N ILE A 338 7.12 10.20 8.71
CA ILE A 338 6.23 10.26 7.57
C ILE A 338 5.18 9.15 7.74
N PRO A 339 3.94 9.35 7.32
CA PRO A 339 2.88 8.40 7.68
C PRO A 339 2.89 7.16 6.80
N ASP A 340 1.89 6.31 7.03
CA ASP A 340 1.73 5.07 6.29
C ASP A 340 1.32 5.32 4.84
N PHE A 341 0.23 6.05 4.62
CA PHE A 341 -0.22 6.25 3.24
C PHE A 341 0.46 7.43 2.54
N LEU A 342 1.59 7.91 3.04
CA LEU A 342 2.43 8.85 2.32
C LEU A 342 3.79 8.27 1.98
N CYS A 343 4.14 7.12 2.55
CA CYS A 343 5.38 6.45 2.17
C CYS A 343 5.14 5.44 1.06
N ASN A 344 4.12 4.59 1.20
CA ASN A 344 3.85 3.57 0.20
C ASN A 344 2.96 4.06 -0.93
N ALA A 345 2.90 5.36 -1.19
CA ALA A 345 2.06 5.90 -2.25
C ALA A 345 2.67 5.64 -3.63
N GLY A 346 3.95 5.23 -3.66
CA GLY A 346 4.59 4.86 -4.89
C GLY A 346 4.02 3.67 -5.61
N GLY A 347 3.31 2.80 -4.88
CA GLY A 347 2.67 1.66 -5.50
C GLY A 347 1.38 2.01 -6.20
N VAL A 348 0.89 3.23 -5.99
CA VAL A 348 -0.28 3.68 -6.71
C VAL A 348 0.11 4.58 -7.88
N THR A 349 1.14 5.41 -7.71
CA THR A 349 1.51 6.37 -8.73
C THR A 349 2.13 5.69 -9.95
N VAL A 350 2.91 4.63 -9.72
CA VAL A 350 3.38 3.84 -10.85
C VAL A 350 2.23 3.01 -11.42
N SER A 351 1.28 2.62 -10.57
CA SER A 351 0.09 1.95 -11.06
C SER A 351 -0.83 2.90 -11.81
N TYR A 352 -0.71 4.20 -11.53
CA TYR A 352 -1.44 5.17 -12.32
C TYR A 352 -0.79 5.37 -13.68
N PHE A 353 0.54 5.24 -13.74
CA PHE A 353 1.25 5.48 -14.99
C PHE A 353 1.04 4.35 -15.98
N GLU A 354 0.65 3.17 -15.50
CA GLU A 354 0.31 2.09 -16.41
C GLU A 354 -1.09 2.30 -16.98
N TRP A 355 -1.92 3.07 -16.27
CA TRP A 355 -3.26 3.35 -16.78
C TRP A 355 -3.24 4.45 -17.82
N VAL A 356 -2.29 5.38 -17.71
CA VAL A 356 -2.20 6.48 -18.68
C VAL A 356 -1.66 5.95 -20.01
N GLN A 357 -0.70 5.02 -19.95
CA GLN A 357 -0.09 4.51 -21.17
C GLN A 357 -1.05 3.62 -21.94
N ASN A 358 -1.96 2.95 -21.24
CA ASN A 358 -2.87 2.03 -21.92
C ASN A 358 -4.06 2.76 -22.52
N ILE A 359 -4.43 3.91 -21.95
CA ILE A 359 -5.56 4.67 -22.48
C ILE A 359 -5.15 5.45 -23.71
N ASN A 360 -4.01 6.14 -23.65
CA ASN A 360 -3.51 6.85 -24.82
C ASN A 360 -3.00 5.88 -25.87
N GLY A 361 -2.27 4.86 -25.45
CA GLY A 361 -1.74 3.87 -26.36
C GLY A 361 -0.27 4.01 -26.68
N TYR A 362 0.44 4.94 -26.03
CA TYR A 362 1.84 5.23 -26.34
C TYR A 362 2.66 5.05 -25.07
N TYR A 363 3.48 4.02 -25.03
CA TYR A 363 4.21 3.61 -23.83
C TYR A 363 5.47 4.45 -23.63
N TRP A 364 5.66 4.89 -22.39
CA TRP A 364 6.78 5.74 -22.02
C TRP A 364 8.04 4.90 -21.87
N THR A 365 9.14 5.58 -21.55
CA THR A 365 10.40 4.93 -21.30
C THR A 365 10.60 4.77 -19.80
N GLU A 366 11.67 4.07 -19.42
CA GLU A 366 11.85 3.69 -18.02
C GLU A 366 12.20 4.89 -17.15
N GLU A 367 13.16 5.71 -17.59
CA GLU A 367 13.60 6.81 -16.75
C GLU A 367 12.57 7.94 -16.74
N GLU A 368 11.77 8.05 -17.80
CA GLU A 368 10.73 9.08 -17.85
C GLU A 368 9.62 8.79 -16.85
N VAL A 369 9.37 7.50 -16.58
CA VAL A 369 8.44 7.14 -15.51
C VAL A 369 9.06 7.47 -14.15
N ARG A 370 10.32 7.08 -13.95
CA ARG A 370 10.95 7.27 -12.65
C ARG A 370 11.33 8.73 -12.41
N GLU A 371 11.33 9.55 -13.45
CA GLU A 371 11.51 10.98 -13.21
C GLU A 371 10.21 11.65 -12.82
N LYS A 372 9.08 11.19 -13.35
CA LYS A 372 7.80 11.78 -12.94
C LYS A 372 7.33 11.21 -11.61
N LEU A 373 7.97 10.14 -11.12
CA LEU A 373 7.59 9.60 -9.82
C LEU A 373 8.07 10.50 -8.69
N ASP A 374 9.18 11.22 -8.90
CA ASP A 374 9.63 12.15 -7.90
C ASP A 374 8.72 13.38 -7.84
N LYS A 375 8.22 13.82 -9.00
CA LYS A 375 7.40 15.02 -9.08
C LYS A 375 6.10 14.86 -8.31
N LYS A 376 5.52 13.67 -8.33
CA LYS A 376 4.36 13.42 -7.50
C LYS A 376 4.75 13.29 -6.03
N MET A 377 5.77 12.48 -5.72
CA MET A 377 5.99 12.09 -4.35
C MET A 377 6.70 13.17 -3.54
N THR A 378 7.45 14.07 -4.19
CA THR A 378 8.09 15.13 -3.43
C THR A 378 7.13 16.29 -3.21
N LYS A 379 6.27 16.55 -4.19
CA LYS A 379 5.28 17.62 -4.04
C LYS A 379 4.22 17.24 -3.01
N ALA A 380 3.81 15.98 -2.99
CA ALA A 380 2.77 15.56 -2.06
C ALA A 380 3.31 15.42 -0.64
N PHE A 381 4.63 15.42 -0.47
CA PHE A 381 5.17 15.47 0.88
C PHE A 381 5.27 16.90 1.38
N TRP A 382 5.60 17.84 0.50
CA TRP A 382 5.79 19.21 0.95
C TRP A 382 4.46 19.92 1.17
N GLU A 383 3.38 19.39 0.57
CA GLU A 383 2.06 19.90 0.89
C GLU A 383 1.64 19.48 2.29
N VAL A 384 2.14 18.34 2.75
CA VAL A 384 1.85 17.88 4.10
C VAL A 384 2.77 18.57 5.10
N TYR A 385 4.03 18.78 4.72
CA TYR A 385 5.04 19.27 5.64
C TYR A 385 4.81 20.69 6.10
N ASN A 386 4.35 21.54 5.19
CA ASN A 386 4.08 22.93 5.56
C ASN A 386 2.81 23.02 6.40
N THR A 387 1.91 22.06 6.22
CA THR A 387 0.68 22.05 7.02
C THR A 387 0.98 21.68 8.47
N HIS A 388 1.88 20.73 8.68
CA HIS A 388 2.17 20.24 10.02
C HIS A 388 2.89 21.28 10.86
N LYS A 389 3.85 21.99 10.26
CA LYS A 389 4.63 22.97 11.01
C LYS A 389 3.83 24.24 11.32
N ASP A 390 2.66 24.42 10.70
CA ASP A 390 1.87 25.62 10.90
C ASP A 390 0.59 25.37 11.70
N LYS A 391 0.19 24.13 11.91
CA LYS A 391 -0.98 23.83 12.72
C LYS A 391 -0.64 23.08 13.99
N ASN A 392 0.61 22.66 14.17
CA ASN A 392 1.11 21.91 15.34
C ASN A 392 0.31 20.64 15.56
N ILE A 393 0.41 19.72 14.61
CA ILE A 393 -0.24 18.43 14.68
C ILE A 393 0.76 17.36 14.25
N HIS A 394 0.50 16.14 14.69
CA HIS A 394 1.30 15.01 14.26
C HIS A 394 1.04 14.75 12.78
N MET A 395 2.07 14.31 12.06
CA MET A 395 1.97 14.21 10.62
C MET A 395 1.13 13.02 10.18
N ARG A 396 0.89 12.08 11.10
CA ARG A 396 -0.14 11.08 10.88
C ARG A 396 -1.52 11.72 10.80
N ASP A 397 -1.76 12.75 11.61
CA ASP A 397 -3.05 13.42 11.60
C ASP A 397 -3.09 14.55 10.58
N ALA A 398 -1.93 15.09 10.23
CA ALA A 398 -1.88 16.21 9.30
C ALA A 398 -2.07 15.75 7.86
N ALA A 399 -1.77 14.48 7.58
CA ALA A 399 -2.00 13.95 6.24
C ALA A 399 -3.48 13.74 5.98
N TYR A 400 -4.25 13.47 7.03
CA TYR A 400 -5.68 13.24 6.86
C TYR A 400 -6.42 14.53 6.54
N VAL A 401 -5.83 15.68 6.88
CA VAL A 401 -6.49 16.97 6.68
C VAL A 401 -6.56 17.31 5.20
N VAL A 402 -5.45 17.11 4.48
CA VAL A 402 -5.42 17.43 3.05
C VAL A 402 -6.07 16.30 2.25
N ALA A 403 -6.17 15.11 2.85
CA ALA A 403 -6.74 13.98 2.13
C ALA A 403 -8.26 14.10 2.04
N VAL A 404 -8.91 14.53 3.12
CA VAL A 404 -10.35 14.71 3.08
C VAL A 404 -10.71 15.98 2.32
N SER A 405 -9.88 17.03 2.45
CA SER A 405 -10.24 18.33 1.88
C SER A 405 -10.09 18.34 0.36
N ARG A 406 -9.42 17.34 -0.21
CA ARG A 406 -9.44 17.20 -1.66
C ARG A 406 -10.68 16.45 -2.12
N VAL A 407 -11.18 15.52 -1.29
CA VAL A 407 -12.35 14.73 -1.66
C VAL A 407 -13.62 15.50 -1.33
N TYR A 408 -13.64 16.21 -0.21
CA TYR A 408 -14.82 16.98 0.17
C TYR A 408 -15.04 18.16 -0.76
N GLN A 409 -13.96 18.69 -1.34
CA GLN A 409 -14.10 19.78 -2.30
C GLN A 409 -14.67 19.29 -3.62
N ALA A 410 -14.51 17.99 -3.92
CA ALA A 410 -15.07 17.46 -5.15
C ALA A 410 -16.49 16.98 -4.95
N MET A 411 -16.84 16.60 -3.72
CA MET A 411 -18.23 16.24 -3.42
C MET A 411 -19.10 17.48 -3.36
N LYS A 412 -18.51 18.63 -3.06
CA LYS A 412 -19.30 19.86 -2.99
C LYS A 412 -19.54 20.44 -4.38
N ASP A 413 -18.73 20.04 -5.36
CA ASP A 413 -18.86 20.59 -6.71
C ASP A 413 -19.68 19.70 -7.62
N ARG A 414 -19.76 18.40 -7.35
CA ARG A 414 -20.67 17.55 -8.10
C ARG A 414 -22.12 17.66 -7.63
N GLY A 415 -22.42 18.54 -6.68
CA GLY A 415 -23.75 18.70 -6.18
C GLY A 415 -24.18 17.69 -5.13
N TRP A 416 -23.28 16.82 -4.69
CA TRP A 416 -23.64 15.77 -3.76
C TRP A 416 -23.91 16.30 -2.37
N VAL A 417 -23.22 17.37 -1.95
CA VAL A 417 -23.51 17.98 -0.66
C VAL A 417 -23.67 19.48 -0.82
N LYS A 418 -24.82 20.00 -0.41
CA LYS A 418 -25.09 21.42 -0.57
C LYS A 418 -24.32 22.23 0.45
N LYS A 419 -24.43 21.86 1.73
CA LYS A 419 -23.72 22.56 2.79
C LYS A 419 -22.23 22.23 2.79
C TRS B . -1.29 -1.71 -4.33
C1 TRS B . -1.43 -1.68 -5.85
C2 TRS B . -2.66 -1.69 -3.69
C3 TRS B . -0.49 -0.52 -3.83
N TRS B . -0.58 -2.93 -3.96
O1 TRS B . -2.47 -0.80 -6.20
O2 TRS B . -2.55 -1.30 -2.34
O3 TRS B . -0.31 -0.66 -2.44
#